data_4FCI
#
_entry.id   4FCI
#
_cell.length_a   90.848
_cell.length_b   90.848
_cell.length_c   69.767
_cell.angle_alpha   90.00
_cell.angle_beta   90.00
_cell.angle_gamma   120.00
#
_symmetry.space_group_name_H-M   'P 3'
#
loop_
_entity.id
_entity.type
_entity.pdbx_description
1 polymer Arginase-1
2 non-polymer 'MANGANESE (II) ION'
3 non-polymer '2-AMINO-3-GUANIDINO-PROPIONIC ACID'
4 water water
#
_entity_poly.entity_id   1
_entity_poly.type   'polypeptide(L)'
_entity_poly.pdbx_seq_one_letter_code
;MSAKSRTIGIIGAPFSKGQPRGGVEEGPTVLRKAGLLEKLKEQECDVKDYGDLPFADIPNDSPFQIVKNPRSVGKASEQL
AGKVAEVKKNGRISLVLGGDHSLAIGSISGHARVHPDLGVIWVDAHTDINTPLTTTSGNLHGQPVSFLLKELKGKIPDVP
GFSWVTPCISAKDIVYIGLRDVDPGEHYILKTLGIKYFSMTEVDRLGIGKVMEETLSYLLGRKKRPIHLSFDVDGLDPSF
TPATGTPVVGGLTYREGLYITEEIYKTGLLSGLDIMEVNPSLGKTPEEVTRTVNTAVAITLACFGLAREGNHKPIDYLNP
PK
;
_entity_poly.pdbx_strand_id   A,B
#
loop_
_chem_comp.id
_chem_comp.type
_chem_comp.name
_chem_comp.formula
GPA non-polymer '2-AMINO-3-GUANIDINO-PROPIONIC ACID' 'C4 H10 N4 O2'
MN non-polymer 'MANGANESE (II) ION' 'Mn 2'
#
# COMPACT_ATOMS: atom_id res chain seq x y z
N SER A 5 26.51 33.46 -4.76
CA SER A 5 26.66 32.14 -4.07
C SER A 5 25.30 31.48 -3.87
N ARG A 6 25.27 30.14 -3.88
CA ARG A 6 24.02 29.42 -3.69
C ARG A 6 23.43 29.50 -2.29
N THR A 7 22.36 30.29 -2.21
CA THR A 7 21.62 30.53 -0.99
C THR A 7 20.41 29.60 -1.06
N ILE A 8 20.24 28.78 -0.04
CA ILE A 8 19.19 27.77 -0.01
C ILE A 8 18.07 27.99 1.02
N GLY A 9 16.88 27.52 0.66
CA GLY A 9 15.74 27.61 1.54
C GLY A 9 15.22 26.19 1.70
N ILE A 10 15.46 25.58 2.86
CA ILE A 10 15.03 24.20 3.10
C ILE A 10 13.56 24.08 3.51
N ILE A 11 12.87 23.13 2.90
CA ILE A 11 11.45 22.90 3.18
C ILE A 11 11.19 21.41 3.38
N GLY A 12 10.97 21.01 4.62
CA GLY A 12 10.68 19.61 4.89
C GLY A 12 9.23 19.32 4.55
N ALA A 13 8.99 18.29 3.75
CA ALA A 13 7.63 17.94 3.36
C ALA A 13 7.31 16.48 3.65
N PRO A 14 7.05 16.16 4.93
CA PRO A 14 6.72 14.79 5.33
C PRO A 14 5.31 14.39 4.90
N PHE A 15 5.15 14.05 3.62
CA PHE A 15 3.85 13.66 3.08
C PHE A 15 3.96 12.33 2.35
N SER A 16 2.93 11.50 2.46
CA SER A 16 2.93 10.17 1.82
C SER A 16 1.65 9.74 1.09
N LYS A 17 0.55 10.48 1.25
CA LYS A 17 -0.71 10.08 0.63
C LYS A 17 -0.82 10.15 -0.89
N GLY A 18 0.33 10.30 -1.56
CA GLY A 18 0.36 10.33 -3.01
C GLY A 18 0.61 8.91 -3.54
N GLN A 19 0.86 7.99 -2.62
CA GLN A 19 1.09 6.60 -2.94
C GLN A 19 0.75 5.76 -1.69
N PRO A 20 0.52 4.45 -1.87
CA PRO A 20 0.16 3.53 -0.78
C PRO A 20 1.10 3.29 0.41
N ARG A 21 2.39 3.21 0.18
CA ARG A 21 3.35 2.97 1.26
C ARG A 21 3.63 4.22 2.13
N GLY A 22 3.65 4.04 3.44
CA GLY A 22 3.81 5.19 4.33
C GLY A 22 5.13 5.73 4.83
N GLY A 23 6.18 4.92 4.86
CA GLY A 23 7.47 5.41 5.36
C GLY A 23 8.10 6.60 4.67
N VAL A 24 7.60 6.96 3.49
CA VAL A 24 8.16 8.09 2.75
C VAL A 24 8.04 9.44 3.49
N GLU A 25 7.08 9.52 4.42
CA GLU A 25 6.89 10.74 5.19
C GLU A 25 8.02 10.96 6.19
N GLU A 26 8.95 9.99 6.23
CA GLU A 26 10.10 10.06 7.13
C GLU A 26 11.35 10.59 6.40
N GLY A 27 11.19 10.91 5.12
CA GLY A 27 12.29 11.40 4.31
C GLY A 27 13.03 12.60 4.88
N PRO A 28 12.30 13.68 5.24
CA PRO A 28 12.96 14.88 5.80
C PRO A 28 13.78 14.53 7.05
N THR A 29 13.22 13.66 7.90
CA THR A 29 13.89 13.25 9.12
C THR A 29 15.27 12.63 8.88
N VAL A 30 15.31 11.52 8.15
CA VAL A 30 16.57 10.83 7.88
C VAL A 30 17.58 11.68 7.12
N LEU A 31 17.11 12.54 6.23
CA LEU A 31 18.01 13.40 5.46
C LEU A 31 18.64 14.47 6.36
N ARG A 32 17.86 14.96 7.32
CA ARG A 32 18.35 15.96 8.26
C ARG A 32 19.32 15.35 9.25
N LYS A 33 19.01 14.16 9.74
CA LYS A 33 19.89 13.51 10.69
C LYS A 33 21.15 12.98 10.03
N ALA A 34 21.17 12.97 8.70
CA ALA A 34 22.33 12.53 7.97
C ALA A 34 23.31 13.71 7.94
N GLY A 35 22.86 14.85 8.47
CA GLY A 35 23.67 16.04 8.52
C GLY A 35 23.64 16.90 7.27
N LEU A 36 22.55 16.83 6.50
CA LEU A 36 22.44 17.59 5.26
C LEU A 36 22.64 19.10 5.41
N LEU A 37 22.06 19.69 6.45
CA LEU A 37 22.22 21.13 6.68
C LEU A 37 23.66 21.47 7.03
N GLU A 38 24.24 20.67 7.91
CA GLU A 38 25.61 20.88 8.34
C GLU A 38 26.55 20.80 7.13
N LYS A 39 26.41 19.71 6.36
CA LYS A 39 27.23 19.49 5.18
C LYS A 39 27.09 20.60 4.15
N LEU A 40 25.86 21.07 3.95
CA LEU A 40 25.61 22.17 3.00
C LEU A 40 26.31 23.43 3.51
N LYS A 41 26.31 23.62 4.81
CA LYS A 41 26.96 24.78 5.41
C LYS A 41 28.47 24.56 5.41
N GLU A 42 28.89 23.30 5.42
CA GLU A 42 30.31 22.97 5.40
C GLU A 42 30.89 23.41 4.06
N GLN A 43 29.99 23.84 3.18
CA GLN A 43 30.34 24.36 1.86
C GLN A 43 30.17 25.88 1.97
N GLU A 44 30.09 26.58 0.85
CA GLU A 44 29.91 28.03 0.89
C GLU A 44 28.42 28.35 0.83
N CYS A 45 27.60 27.45 1.38
CA CYS A 45 26.14 27.63 1.32
C CYS A 45 25.49 28.42 2.43
N ASP A 46 24.63 29.34 2.04
CA ASP A 46 23.86 30.17 2.97
C ASP A 46 22.55 29.40 3.11
N VAL A 47 22.38 28.71 4.23
CA VAL A 47 21.20 27.90 4.46
C VAL A 47 20.22 28.35 5.54
N LYS A 48 18.96 28.51 5.15
CA LYS A 48 17.90 28.89 6.07
C LYS A 48 16.86 27.77 6.01
N ASP A 49 16.59 27.17 7.15
CA ASP A 49 15.64 26.08 7.22
C ASP A 49 14.24 26.58 7.57
N TYR A 50 13.32 26.42 6.63
CA TYR A 50 11.95 26.85 6.84
C TYR A 50 11.13 25.81 7.59
N GLY A 51 11.80 24.75 8.02
CA GLY A 51 11.15 23.69 8.78
C GLY A 51 10.42 22.61 8.00
N ASP A 52 9.75 21.76 8.77
CA ASP A 52 8.97 20.65 8.24
C ASP A 52 7.52 21.10 8.21
N LEU A 53 6.93 21.16 7.02
CA LEU A 53 5.55 21.57 6.88
C LEU A 53 4.62 20.67 7.72
N PRO A 54 3.80 21.26 8.59
CA PRO A 54 2.89 20.48 9.42
C PRO A 54 1.71 20.09 8.53
N PHE A 55 1.76 18.87 7.98
CA PHE A 55 0.70 18.44 7.09
C PHE A 55 -0.55 17.93 7.77
N ALA A 56 -1.63 18.68 7.55
CA ALA A 56 -2.94 18.40 8.11
C ALA A 56 -3.42 16.98 7.90
N ASP A 57 -4.40 16.59 8.70
CA ASP A 57 -5.00 15.28 8.64
C ASP A 57 -6.41 15.45 8.09
N ILE A 58 -6.68 14.85 6.92
CA ILE A 58 -7.99 14.94 6.30
C ILE A 58 -8.63 13.55 6.36
N PRO A 59 -9.22 13.21 7.52
CA PRO A 59 -9.88 11.91 7.75
C PRO A 59 -10.95 11.59 6.72
N ASN A 60 -11.63 12.63 6.24
CA ASN A 60 -12.67 12.47 5.23
C ASN A 60 -12.07 12.81 3.87
N ASP A 61 -11.69 11.76 3.15
CA ASP A 61 -11.07 11.93 1.86
C ASP A 61 -11.26 10.66 1.03
N SER A 62 -12.50 10.41 0.63
CA SER A 62 -12.85 9.24 -0.17
C SER A 62 -12.31 9.38 -1.57
N PRO A 63 -12.08 8.24 -2.25
CA PRO A 63 -11.55 8.30 -3.62
C PRO A 63 -12.40 9.14 -4.55
N PHE A 64 -11.76 9.67 -5.59
CA PHE A 64 -12.44 10.43 -6.63
C PHE A 64 -12.30 9.44 -7.77
N GLN A 65 -13.38 8.74 -8.08
CA GLN A 65 -13.32 7.70 -9.10
C GLN A 65 -12.31 6.71 -8.54
N ILE A 66 -11.16 6.57 -9.20
CA ILE A 66 -10.13 5.66 -8.73
C ILE A 66 -8.97 6.39 -8.06
N VAL A 67 -8.98 7.72 -8.12
CA VAL A 67 -7.93 8.55 -7.54
C VAL A 67 -8.00 8.56 -6.01
N LYS A 68 -6.90 8.16 -5.37
CA LYS A 68 -6.83 8.06 -3.91
C LYS A 68 -6.33 9.28 -3.16
N ASN A 69 -6.95 9.55 -2.02
CA ASN A 69 -6.59 10.66 -1.13
C ASN A 69 -6.43 12.02 -1.85
N PRO A 70 -7.35 12.33 -2.78
CA PRO A 70 -7.26 13.59 -3.53
C PRO A 70 -7.23 14.89 -2.71
N ARG A 71 -8.02 14.97 -1.64
CA ARG A 71 -8.05 16.18 -0.83
C ARG A 71 -6.78 16.35 0.00
N SER A 72 -6.23 15.25 0.49
CA SER A 72 -5.02 15.28 1.28
C SER A 72 -3.84 15.68 0.40
N VAL A 73 -3.77 15.09 -0.78
CA VAL A 73 -2.69 15.39 -1.71
C VAL A 73 -2.82 16.84 -2.19
N GLY A 74 -4.03 17.24 -2.58
CA GLY A 74 -4.27 18.59 -3.06
C GLY A 74 -3.92 19.65 -2.03
N LYS A 75 -4.20 19.37 -0.77
CA LYS A 75 -3.91 20.33 0.31
C LYS A 75 -2.41 20.44 0.60
N ALA A 76 -1.72 19.31 0.62
CA ALA A 76 -0.28 19.31 0.90
C ALA A 76 0.47 20.13 -0.16
N SER A 77 0.08 19.95 -1.42
CA SER A 77 0.72 20.67 -2.50
C SER A 77 0.37 22.15 -2.47
N GLU A 78 -0.88 22.46 -2.12
CA GLU A 78 -1.29 23.86 -2.04
C GLU A 78 -0.46 24.53 -0.95
N GLN A 79 -0.32 23.85 0.19
CA GLN A 79 0.47 24.39 1.30
C GLN A 79 1.90 24.57 0.82
N LEU A 80 2.47 23.50 0.25
CA LEU A 80 3.83 23.56 -0.23
C LEU A 80 4.08 24.67 -1.25
N ALA A 81 3.14 24.89 -2.15
CA ALA A 81 3.31 25.92 -3.16
C ALA A 81 3.51 27.30 -2.52
N GLY A 82 2.73 27.61 -1.49
CA GLY A 82 2.88 28.89 -0.83
C GLY A 82 4.26 29.03 -0.20
N LYS A 83 4.73 27.95 0.44
CA LYS A 83 6.04 27.95 1.08
C LYS A 83 7.15 28.19 0.08
N VAL A 84 7.14 27.41 -1.00
CA VAL A 84 8.13 27.54 -2.06
C VAL A 84 8.15 28.96 -2.63
N ALA A 85 6.97 29.52 -2.86
CA ALA A 85 6.88 30.88 -3.41
C ALA A 85 7.42 31.87 -2.40
N GLU A 86 7.35 31.50 -1.11
CA GLU A 86 7.85 32.33 -0.03
C GLU A 86 9.36 32.36 -0.05
N VAL A 87 9.99 31.19 -0.11
CA VAL A 87 11.44 31.13 -0.14
C VAL A 87 11.98 31.77 -1.43
N LYS A 88 11.26 31.61 -2.54
CA LYS A 88 11.71 32.19 -3.79
C LYS A 88 11.70 33.71 -3.69
N LYS A 89 10.75 34.26 -2.95
CA LYS A 89 10.67 35.71 -2.79
C LYS A 89 11.78 36.18 -1.84
N ASN A 90 12.35 35.24 -1.09
CA ASN A 90 13.43 35.56 -0.15
C ASN A 90 14.77 35.43 -0.84
N GLY A 91 14.72 35.21 -2.15
CA GLY A 91 15.93 35.07 -2.95
C GLY A 91 16.80 33.86 -2.63
N ARG A 92 16.16 32.72 -2.41
CA ARG A 92 16.88 31.50 -2.07
C ARG A 92 16.36 30.35 -2.91
N ILE A 93 17.25 29.39 -3.19
CA ILE A 93 16.86 28.20 -3.96
C ILE A 93 16.06 27.27 -3.06
N SER A 94 14.83 26.95 -3.46
CA SER A 94 14.00 26.04 -2.66
C SER A 94 14.46 24.59 -2.72
N LEU A 95 14.70 24.01 -1.55
CA LEU A 95 15.12 22.61 -1.47
C LEU A 95 14.02 21.89 -0.71
N VAL A 96 13.22 21.13 -1.44
CA VAL A 96 12.12 20.38 -0.85
C VAL A 96 12.46 18.94 -0.54
N LEU A 97 12.72 18.67 0.74
CA LEU A 97 13.02 17.31 1.18
C LEU A 97 11.64 16.69 1.21
N GLY A 98 11.34 15.85 0.24
CA GLY A 98 10.00 15.31 0.21
C GLY A 98 9.69 13.95 0.76
N GLY A 99 8.42 13.64 0.52
CA GLY A 99 7.83 12.37 0.84
C GLY A 99 7.63 11.91 -0.60
N ASP A 100 6.40 11.68 -1.02
CA ASP A 100 6.16 11.23 -2.39
C ASP A 100 6.18 12.37 -3.41
N HIS A 101 6.41 12.00 -4.68
CA HIS A 101 6.50 12.93 -5.79
C HIS A 101 5.25 13.73 -6.14
N SER A 102 4.13 13.43 -5.47
CA SER A 102 2.88 14.16 -5.74
C SER A 102 3.10 15.63 -5.36
N LEU A 103 4.01 15.86 -4.43
CA LEU A 103 4.34 17.19 -3.94
C LEU A 103 4.93 18.08 -5.04
N ALA A 104 5.33 17.45 -6.14
CA ALA A 104 5.89 18.20 -7.26
C ALA A 104 4.87 19.23 -7.72
N ILE A 105 3.60 18.86 -7.68
CA ILE A 105 2.53 19.76 -8.07
C ILE A 105 2.64 21.10 -7.35
N GLY A 106 2.78 21.06 -6.02
CA GLY A 106 2.90 22.29 -5.26
C GLY A 106 4.24 22.98 -5.36
N SER A 107 5.31 22.18 -5.45
CA SER A 107 6.67 22.71 -5.55
C SER A 107 6.88 23.50 -6.81
N ILE A 108 6.57 22.90 -7.95
CA ILE A 108 6.73 23.57 -9.23
C ILE A 108 5.72 24.71 -9.36
N SER A 109 4.52 24.51 -8.81
CA SER A 109 3.49 25.54 -8.86
C SER A 109 3.93 26.81 -8.13
N GLY A 110 4.36 26.67 -6.88
CA GLY A 110 4.82 27.79 -6.08
C GLY A 110 6.05 28.47 -6.65
N HIS A 111 6.91 27.68 -7.28
CA HIS A 111 8.14 28.19 -7.90
C HIS A 111 7.79 29.06 -9.11
N ALA A 112 6.89 28.57 -9.96
CA ALA A 112 6.47 29.28 -11.16
C ALA A 112 5.72 30.59 -10.88
N ARG A 113 5.14 30.71 -9.68
CA ARG A 113 4.43 31.94 -9.32
C ARG A 113 5.42 33.09 -9.31
N VAL A 114 6.61 32.80 -8.77
CA VAL A 114 7.66 33.80 -8.69
C VAL A 114 8.50 33.82 -9.98
N HIS A 115 8.67 32.68 -10.62
CA HIS A 115 9.44 32.61 -11.85
C HIS A 115 8.71 31.85 -12.94
N PRO A 116 7.67 32.45 -13.51
CA PRO A 116 6.87 31.83 -14.56
C PRO A 116 7.65 31.29 -15.76
N ASP A 117 8.92 31.70 -15.90
CA ASP A 117 9.73 31.26 -17.04
C ASP A 117 10.66 30.07 -16.76
N LEU A 118 10.49 29.42 -15.62
CA LEU A 118 11.34 28.30 -15.25
C LEU A 118 11.29 27.10 -16.23
N GLY A 119 12.38 26.34 -16.24
CA GLY A 119 12.46 25.16 -17.08
C GLY A 119 12.59 24.01 -16.11
N VAL A 120 12.00 22.87 -16.42
CA VAL A 120 12.06 21.74 -15.52
C VAL A 120 12.85 20.54 -16.05
N ILE A 121 13.71 19.99 -15.19
CA ILE A 121 14.46 18.78 -15.51
C ILE A 121 13.89 17.77 -14.52
N TRP A 122 13.34 16.68 -15.05
CA TRP A 122 12.70 15.65 -14.23
C TRP A 122 13.47 14.32 -14.29
N VAL A 123 14.24 14.05 -13.23
CA VAL A 123 15.04 12.82 -13.14
C VAL A 123 14.17 11.75 -12.48
N ASP A 124 13.84 10.72 -13.23
CA ASP A 124 12.93 9.71 -12.71
C ASP A 124 12.89 8.46 -13.59
N ALA A 125 12.53 7.32 -12.99
CA ALA A 125 12.40 6.09 -13.76
C ALA A 125 11.02 6.13 -14.42
N HIS A 126 10.17 7.04 -13.95
CA HIS A 126 8.81 7.19 -14.44
C HIS A 126 8.52 8.61 -14.93
N THR A 127 7.51 8.76 -15.78
CA THR A 127 7.13 10.06 -16.30
C THR A 127 6.17 10.82 -15.37
N ASP A 128 5.43 10.09 -14.53
CA ASP A 128 4.48 10.70 -13.58
C ASP A 128 3.59 11.70 -14.28
N ILE A 129 3.12 11.31 -15.45
CA ILE A 129 2.29 12.18 -16.26
C ILE A 129 0.89 11.61 -16.52
N ASN A 130 0.47 10.64 -15.71
CA ASN A 130 -0.86 10.06 -15.85
C ASN A 130 -1.90 11.09 -15.42
N THR A 131 -3.06 11.07 -16.05
CA THR A 131 -4.12 12.00 -15.68
C THR A 131 -5.05 11.19 -14.77
N PRO A 132 -5.98 11.88 -14.10
CA PRO A 132 -6.90 11.15 -13.23
C PRO A 132 -7.69 10.13 -14.05
N LEU A 133 -7.73 10.34 -15.35
CA LEU A 133 -8.49 9.46 -16.23
C LEU A 133 -7.65 8.37 -16.92
N THR A 134 -6.34 8.56 -16.97
CA THR A 134 -5.48 7.56 -17.60
C THR A 134 -4.84 6.64 -16.54
N THR A 135 -4.71 7.13 -15.32
CA THR A 135 -4.11 6.34 -14.25
C THR A 135 -4.88 5.03 -14.05
N THR A 136 -4.15 3.96 -13.76
CA THR A 136 -4.79 2.68 -13.50
C THR A 136 -4.56 2.33 -12.02
N SER A 137 -3.62 3.04 -11.40
CA SER A 137 -3.27 2.82 -10.00
C SER A 137 -4.01 3.76 -9.05
N GLY A 138 -4.41 4.92 -9.55
CA GLY A 138 -5.10 5.87 -8.70
C GLY A 138 -4.19 6.62 -7.73
N ASN A 139 -2.88 6.31 -7.79
CA ASN A 139 -1.90 6.95 -6.92
C ASN A 139 -1.44 8.27 -7.54
N LEU A 140 -1.64 9.37 -6.81
CA LEU A 140 -1.28 10.69 -7.31
C LEU A 140 0.21 11.03 -7.50
N HIS A 141 1.12 10.20 -6.98
CA HIS A 141 2.54 10.50 -7.18
C HIS A 141 2.95 10.14 -8.60
N GLY A 142 2.02 9.54 -9.35
CA GLY A 142 2.28 9.15 -10.72
C GLY A 142 1.47 9.99 -11.68
N GLN A 143 0.98 11.13 -11.17
CA GLN A 143 0.17 12.06 -11.95
C GLN A 143 0.59 13.54 -11.86
N PRO A 144 1.57 13.89 -10.98
CA PRO A 144 1.93 15.32 -10.90
C PRO A 144 2.11 16.14 -12.19
N VAL A 145 2.92 15.67 -13.14
CA VAL A 145 3.16 16.44 -14.35
C VAL A 145 1.89 16.75 -15.15
N SER A 146 0.89 15.87 -15.10
CA SER A 146 -0.36 16.07 -15.82
C SER A 146 -1.12 17.30 -15.32
N PHE A 147 -1.00 17.60 -14.03
CA PHE A 147 -1.67 18.77 -13.43
C PHE A 147 -0.97 20.07 -13.80
N LEU A 148 0.32 19.97 -14.09
CA LEU A 148 1.17 21.12 -14.39
C LEU A 148 1.24 21.58 -15.85
N LEU A 149 0.97 20.69 -16.79
CA LEU A 149 1.04 21.03 -18.22
C LEU A 149 -0.17 21.78 -18.76
N LYS A 150 0.09 22.96 -19.32
CA LYS A 150 -0.97 23.77 -19.90
C LYS A 150 -1.75 23.04 -20.99
N GLU A 151 -1.03 22.31 -21.85
CA GLU A 151 -1.65 21.57 -22.95
C GLU A 151 -2.63 20.49 -22.52
N LEU A 152 -2.54 20.06 -21.27
CA LEU A 152 -3.44 19.01 -20.78
C LEU A 152 -4.65 19.59 -20.04
N LYS A 153 -4.78 20.92 -20.09
CA LYS A 153 -5.91 21.59 -19.46
C LYS A 153 -7.10 21.26 -20.35
N GLY A 154 -8.13 20.64 -19.75
CA GLY A 154 -9.30 20.25 -20.51
C GLY A 154 -9.41 18.74 -20.45
N LYS A 155 -8.33 18.12 -19.99
CA LYS A 155 -8.28 16.66 -19.84
C LYS A 155 -8.10 16.25 -18.40
N ILE A 156 -7.92 17.24 -17.54
CA ILE A 156 -7.77 16.99 -16.11
C ILE A 156 -9.12 17.39 -15.50
N PRO A 157 -9.90 16.40 -15.03
CA PRO A 157 -11.21 16.67 -14.44
C PRO A 157 -11.07 17.43 -13.12
N ASP A 158 -12.20 17.87 -12.56
CA ASP A 158 -12.13 18.58 -11.30
C ASP A 158 -12.02 17.60 -10.15
N VAL A 159 -10.80 17.48 -9.62
CA VAL A 159 -10.51 16.60 -8.51
C VAL A 159 -10.53 17.39 -7.21
N PRO A 160 -11.29 16.92 -6.22
CA PRO A 160 -11.39 17.61 -4.93
C PRO A 160 -10.01 17.86 -4.33
N GLY A 161 -9.70 19.14 -4.11
CA GLY A 161 -8.43 19.51 -3.54
C GLY A 161 -7.48 20.21 -4.49
N PHE A 162 -7.79 20.21 -5.78
CA PHE A 162 -6.90 20.85 -6.73
C PHE A 162 -7.49 22.02 -7.53
N SER A 163 -8.59 22.58 -7.05
CA SER A 163 -9.21 23.71 -7.74
C SER A 163 -8.28 24.93 -7.74
N TRP A 164 -7.33 24.93 -6.82
CA TRP A 164 -6.37 26.02 -6.70
C TRP A 164 -5.29 25.93 -7.78
N VAL A 165 -5.18 24.78 -8.42
CA VAL A 165 -4.15 24.58 -9.43
C VAL A 165 -4.40 25.26 -10.76
N THR A 166 -3.32 25.75 -11.35
CA THR A 166 -3.37 26.39 -12.65
C THR A 166 -2.10 25.98 -13.37
N PRO A 167 -2.23 25.18 -14.45
CA PRO A 167 -1.09 24.71 -15.24
C PRO A 167 -0.09 25.83 -15.47
N CYS A 168 1.15 25.63 -15.05
CA CYS A 168 2.15 26.66 -15.20
C CYS A 168 3.28 26.37 -16.19
N ILE A 169 3.32 25.17 -16.75
CA ILE A 169 4.38 24.85 -17.71
C ILE A 169 3.85 24.21 -18.99
N SER A 170 4.59 24.45 -20.08
CA SER A 170 4.24 23.90 -21.37
C SER A 170 5.09 22.64 -21.57
N ALA A 171 4.63 21.77 -22.45
CA ALA A 171 5.33 20.54 -22.75
C ALA A 171 6.79 20.80 -23.14
N LYS A 172 7.02 21.97 -23.75
CA LYS A 172 8.35 22.38 -24.21
C LYS A 172 9.28 22.86 -23.10
N ASP A 173 8.76 23.00 -21.89
CA ASP A 173 9.59 23.50 -20.79
C ASP A 173 10.05 22.42 -19.83
N ILE A 174 9.95 21.16 -20.23
CA ILE A 174 10.38 20.06 -19.38
C ILE A 174 11.18 19.00 -20.14
N VAL A 175 12.16 18.43 -19.44
CA VAL A 175 12.99 17.36 -20.00
C VAL A 175 13.07 16.22 -18.98
N TYR A 176 12.81 15.01 -19.45
CA TYR A 176 12.88 13.82 -18.60
C TYR A 176 14.21 13.13 -18.82
N ILE A 177 14.75 12.53 -17.77
CA ILE A 177 16.00 11.78 -17.85
C ILE A 177 15.87 10.56 -16.93
N GLY A 178 16.18 9.38 -17.46
CA GLY A 178 16.13 8.16 -16.66
C GLY A 178 14.96 7.20 -16.82
N LEU A 179 13.98 7.57 -17.64
CA LEU A 179 12.79 6.75 -17.85
C LEU A 179 13.05 5.30 -18.22
N ARG A 180 12.33 4.38 -17.57
CA ARG A 180 12.47 2.96 -17.88
C ARG A 180 11.18 2.16 -17.58
N ASP A 181 10.15 2.85 -17.10
CA ASP A 181 8.84 2.26 -16.78
C ASP A 181 7.75 3.32 -16.96
N VAL A 182 7.28 3.44 -18.21
CA VAL A 182 6.27 4.41 -18.62
C VAL A 182 5.00 3.69 -19.08
N ASP A 183 3.85 4.06 -18.51
CA ASP A 183 2.58 3.43 -18.91
C ASP A 183 2.26 3.76 -20.37
N PRO A 184 1.33 3.02 -21.00
CA PRO A 184 0.96 3.29 -22.39
C PRO A 184 0.32 4.66 -22.60
N GLY A 185 -0.53 5.07 -21.66
CA GLY A 185 -1.18 6.37 -21.76
C GLY A 185 -0.17 7.49 -21.62
N GLU A 186 0.81 7.27 -20.75
CA GLU A 186 1.89 8.24 -20.53
C GLU A 186 2.72 8.38 -21.80
N HIS A 187 3.03 7.24 -22.42
CA HIS A 187 3.82 7.24 -23.65
C HIS A 187 3.08 7.96 -24.77
N TYR A 188 1.77 7.78 -24.81
CA TYR A 188 0.94 8.44 -25.82
C TYR A 188 1.03 9.95 -25.62
N ILE A 189 1.02 10.38 -24.37
CA ILE A 189 1.10 11.79 -24.02
C ILE A 189 2.46 12.36 -24.39
N LEU A 190 3.50 11.56 -24.18
CA LEU A 190 4.87 12.01 -24.51
C LEU A 190 5.01 12.35 -25.97
N LYS A 191 4.62 11.42 -26.82
CA LYS A 191 4.69 11.60 -28.26
C LYS A 191 3.68 12.58 -28.82
N THR A 192 2.51 12.68 -28.19
CA THR A 192 1.48 13.60 -28.66
C THR A 192 1.87 15.06 -28.39
N LEU A 193 2.31 15.36 -27.16
CA LEU A 193 2.72 16.71 -26.79
C LEU A 193 4.15 17.02 -27.19
N GLY A 194 4.82 16.04 -27.80
CA GLY A 194 6.20 16.22 -28.23
C GLY A 194 7.16 16.59 -27.12
N ILE A 195 7.02 15.92 -25.98
CA ILE A 195 7.88 16.17 -24.83
C ILE A 195 9.28 15.59 -25.03
N LYS A 196 10.28 16.38 -24.72
CA LYS A 196 11.68 15.98 -24.84
C LYS A 196 12.05 15.08 -23.66
N TYR A 197 12.60 13.91 -23.96
CA TYR A 197 13.00 12.97 -22.91
C TYR A 197 14.22 12.14 -23.30
N PHE A 198 14.91 11.63 -22.29
CA PHE A 198 16.07 10.77 -22.46
C PHE A 198 15.81 9.57 -21.58
N SER A 199 15.28 8.51 -22.18
CA SER A 199 15.00 7.30 -21.41
C SER A 199 16.34 6.62 -21.22
N MET A 200 16.37 5.51 -20.49
CA MET A 200 17.63 4.83 -20.27
C MET A 200 18.25 4.43 -21.60
N THR A 201 17.42 4.28 -22.63
CA THR A 201 17.90 3.90 -23.96
C THR A 201 18.76 5.00 -24.57
N GLU A 202 18.34 6.25 -24.38
CA GLU A 202 19.07 7.39 -24.91
C GLU A 202 20.35 7.65 -24.13
N VAL A 203 20.34 7.32 -22.84
CA VAL A 203 21.52 7.49 -22.00
C VAL A 203 22.53 6.44 -22.45
N ASP A 204 22.04 5.23 -22.75
CA ASP A 204 22.91 4.16 -23.20
C ASP A 204 23.51 4.50 -24.55
N ARG A 205 22.70 5.06 -25.44
CA ARG A 205 23.16 5.43 -26.76
C ARG A 205 24.15 6.60 -26.78
N LEU A 206 23.75 7.71 -26.17
CA LEU A 206 24.54 8.94 -26.16
C LEU A 206 25.58 9.14 -25.07
N GLY A 207 25.33 8.61 -23.88
CA GLY A 207 26.25 8.80 -22.78
C GLY A 207 25.68 9.97 -21.99
N ILE A 208 25.84 9.95 -20.66
CA ILE A 208 25.31 11.01 -19.81
C ILE A 208 25.89 12.38 -20.17
N GLY A 209 27.11 12.40 -20.70
CA GLY A 209 27.72 13.65 -21.10
C GLY A 209 26.91 14.34 -22.18
N LYS A 210 26.63 13.63 -23.26
CA LYS A 210 25.86 14.19 -24.36
C LYS A 210 24.42 14.48 -23.90
N VAL A 211 23.87 13.57 -23.10
CA VAL A 211 22.52 13.74 -22.59
C VAL A 211 22.37 15.09 -21.85
N MET A 212 23.33 15.42 -20.99
CA MET A 212 23.26 16.70 -20.25
C MET A 212 23.52 17.88 -21.17
N GLU A 213 24.36 17.69 -22.18
CA GLU A 213 24.65 18.76 -23.13
C GLU A 213 23.36 19.13 -23.85
N GLU A 214 22.65 18.12 -24.35
CA GLU A 214 21.39 18.34 -25.06
C GLU A 214 20.27 18.84 -24.17
N THR A 215 20.21 18.37 -22.93
CA THR A 215 19.17 18.79 -22.01
C THR A 215 19.23 20.29 -21.72
N LEU A 216 20.41 20.75 -21.33
CA LEU A 216 20.61 22.16 -20.99
C LEU A 216 20.50 23.06 -22.22
N SER A 217 20.99 22.58 -23.36
CA SER A 217 20.90 23.34 -24.59
C SER A 217 19.43 23.49 -24.97
N TYR A 218 18.70 22.39 -24.85
CA TYR A 218 17.27 22.35 -25.14
C TYR A 218 16.49 23.36 -24.30
N LEU A 219 16.75 23.36 -22.99
CA LEU A 219 16.06 24.26 -22.08
C LEU A 219 16.58 25.69 -22.00
N LEU A 220 17.87 25.88 -22.23
CA LEU A 220 18.48 27.22 -22.16
C LEU A 220 18.93 27.74 -23.52
N GLY A 221 18.39 27.14 -24.58
CA GLY A 221 18.74 27.53 -25.93
C GLY A 221 18.41 28.96 -26.30
N ARG A 222 17.12 29.29 -26.36
CA ARG A 222 16.69 30.64 -26.70
C ARG A 222 17.21 31.66 -25.69
N LYS A 223 17.05 31.35 -24.40
CA LYS A 223 17.55 32.24 -23.37
C LYS A 223 17.68 31.58 -22.01
N LYS A 224 18.50 32.19 -21.15
CA LYS A 224 18.72 31.68 -19.80
C LYS A 224 17.48 31.89 -18.94
N ARG A 225 17.12 30.87 -18.17
CA ARG A 225 15.97 30.95 -17.27
C ARG A 225 16.13 30.03 -16.06
N PRO A 226 15.41 30.31 -14.97
CA PRO A 226 15.51 29.47 -13.77
C PRO A 226 15.26 28.00 -14.04
N ILE A 227 16.00 27.15 -13.32
CA ILE A 227 15.85 25.70 -13.47
C ILE A 227 15.27 25.06 -12.23
N HIS A 228 14.31 24.18 -12.43
CA HIS A 228 13.69 23.44 -11.33
C HIS A 228 14.05 21.99 -11.57
N LEU A 229 14.79 21.40 -10.63
CA LEU A 229 15.17 20.00 -10.76
C LEU A 229 14.33 19.16 -9.80
N SER A 230 13.50 18.29 -10.35
CA SER A 230 12.69 17.42 -9.51
C SER A 230 13.36 16.06 -9.61
N PHE A 231 14.13 15.72 -8.58
CA PHE A 231 14.86 14.46 -8.56
C PHE A 231 14.14 13.37 -7.77
N ASP A 232 13.65 12.36 -8.48
CA ASP A 232 12.99 11.24 -7.85
C ASP A 232 14.08 10.18 -7.61
N VAL A 233 14.27 9.85 -6.35
CA VAL A 233 15.26 8.89 -5.94
C VAL A 233 15.31 7.60 -6.75
N ASP A 234 14.16 7.11 -7.22
CA ASP A 234 14.15 5.87 -7.99
C ASP A 234 14.64 6.04 -9.43
N GLY A 235 15.09 7.24 -9.78
CA GLY A 235 15.62 7.47 -11.11
C GLY A 235 16.98 6.80 -11.17
N LEU A 236 17.61 6.64 -10.01
CA LEU A 236 18.91 5.96 -9.93
C LEU A 236 18.62 4.48 -9.73
N ASP A 237 19.57 3.64 -10.12
CA ASP A 237 19.42 2.20 -9.98
C ASP A 237 19.18 1.80 -8.52
N PRO A 238 18.38 0.75 -8.27
CA PRO A 238 18.09 0.28 -6.90
C PRO A 238 19.32 -0.22 -6.13
N SER A 239 20.46 -0.33 -6.82
CA SER A 239 21.68 -0.78 -6.16
C SER A 239 22.25 0.41 -5.37
N PHE A 240 21.76 1.61 -5.69
CA PHE A 240 22.19 2.83 -5.03
C PHE A 240 21.12 3.40 -4.10
N THR A 241 19.87 3.33 -4.55
CA THR A 241 18.75 3.85 -3.76
C THR A 241 17.63 2.82 -3.63
N PRO A 242 17.89 1.72 -2.90
CA PRO A 242 16.91 0.65 -2.69
C PRO A 242 15.68 1.00 -1.85
N ALA A 243 15.86 1.85 -0.85
CA ALA A 243 14.76 2.24 0.04
C ALA A 243 13.86 3.26 -0.64
N THR A 244 13.06 2.80 -1.59
CA THR A 244 12.17 3.66 -2.35
C THR A 244 10.95 2.81 -2.73
N GLY A 245 9.78 3.45 -2.81
CA GLY A 245 8.54 2.74 -3.12
C GLY A 245 8.40 1.96 -4.42
N THR A 246 8.89 2.52 -5.51
CA THR A 246 8.77 1.86 -6.81
C THR A 246 10.10 1.74 -7.56
N PRO A 247 11.00 0.86 -7.10
CA PRO A 247 12.29 0.69 -7.77
C PRO A 247 12.18 -0.05 -9.10
N VAL A 248 13.05 0.29 -10.04
CA VAL A 248 13.08 -0.37 -11.34
C VAL A 248 14.55 -0.60 -11.70
N VAL A 249 14.88 -1.85 -12.02
CA VAL A 249 16.25 -2.24 -12.37
C VAL A 249 16.77 -1.51 -13.60
N GLY A 250 18.08 -1.43 -13.74
CA GLY A 250 18.69 -0.78 -14.88
C GLY A 250 18.61 0.74 -14.85
N GLY A 251 18.82 1.32 -13.67
CA GLY A 251 18.72 2.75 -13.56
C GLY A 251 20.02 3.50 -13.78
N LEU A 252 19.95 4.80 -13.57
CA LEU A 252 21.10 5.67 -13.70
C LEU A 252 22.08 5.28 -12.60
N THR A 253 23.37 5.36 -12.92
CA THR A 253 24.38 5.00 -11.94
C THR A 253 24.61 6.16 -10.96
N TYR A 254 25.39 5.87 -9.92
CA TYR A 254 25.73 6.84 -8.89
C TYR A 254 26.45 7.99 -9.60
N ARG A 255 27.46 7.62 -10.40
CA ARG A 255 28.26 8.58 -11.14
C ARG A 255 27.41 9.45 -12.06
N GLU A 256 26.49 8.83 -12.78
CA GLU A 256 25.60 9.57 -13.67
C GLU A 256 24.77 10.54 -12.83
N GLY A 257 24.27 10.06 -11.70
CA GLY A 257 23.47 10.91 -10.82
C GLY A 257 24.23 12.16 -10.40
N LEU A 258 25.50 11.98 -10.06
CA LEU A 258 26.33 13.11 -9.66
C LEU A 258 26.69 13.98 -10.85
N TYR A 259 26.83 13.37 -12.02
CA TYR A 259 27.18 14.14 -13.21
C TYR A 259 26.04 15.08 -13.58
N ILE A 260 24.81 14.56 -13.51
CA ILE A 260 23.60 15.33 -13.81
C ILE A 260 23.56 16.61 -12.97
N THR A 261 23.72 16.43 -11.67
CA THR A 261 23.66 17.53 -10.72
C THR A 261 24.86 18.46 -10.72
N GLU A 262 26.04 17.93 -11.00
CA GLU A 262 27.24 18.77 -11.04
C GLU A 262 27.08 19.71 -12.23
N GLU A 263 26.53 19.19 -13.32
CA GLU A 263 26.32 20.00 -14.52
C GLU A 263 25.28 21.07 -14.29
N ILE A 264 24.18 20.72 -13.65
CA ILE A 264 23.14 21.68 -13.37
C ILE A 264 23.70 22.79 -12.48
N TYR A 265 24.39 22.40 -11.41
CA TYR A 265 24.95 23.39 -10.52
C TYR A 265 25.76 24.40 -11.30
N LYS A 266 26.62 23.91 -12.19
CA LYS A 266 27.48 24.76 -12.99
C LYS A 266 26.78 25.78 -13.89
N THR A 267 25.50 25.56 -14.20
CA THR A 267 24.79 26.50 -15.03
C THR A 267 24.61 27.78 -14.21
N GLY A 268 24.63 27.64 -12.89
CA GLY A 268 24.44 28.78 -12.02
C GLY A 268 22.98 29.17 -12.05
N LEU A 269 22.16 28.35 -12.71
CA LEU A 269 20.74 28.63 -12.82
C LEU A 269 19.77 27.78 -11.99
N LEU A 270 20.28 26.88 -11.13
CA LEU A 270 19.35 26.09 -10.31
C LEU A 270 18.50 27.05 -9.48
N SER A 271 17.18 26.87 -9.58
CA SER A 271 16.25 27.75 -8.88
C SER A 271 15.37 26.98 -7.90
N GLY A 272 15.09 25.72 -8.21
CA GLY A 272 14.26 24.90 -7.34
C GLY A 272 14.75 23.46 -7.37
N LEU A 273 14.67 22.79 -6.24
CA LEU A 273 15.14 21.40 -6.16
C LEU A 273 14.21 20.51 -5.34
N ASP A 274 13.92 19.33 -5.87
CA ASP A 274 13.09 18.37 -5.15
C ASP A 274 13.91 17.10 -4.97
N ILE A 275 13.93 16.57 -3.75
CA ILE A 275 14.62 15.31 -3.47
C ILE A 275 13.45 14.47 -2.95
N MET A 276 12.93 13.57 -3.80
CA MET A 276 11.75 12.78 -3.46
C MET A 276 11.86 11.26 -3.42
N GLU A 277 10.80 10.67 -2.85
CA GLU A 277 10.64 9.22 -2.75
C GLU A 277 11.61 8.41 -1.89
N VAL A 278 12.35 9.06 -1.00
CA VAL A 278 13.25 8.31 -0.13
C VAL A 278 12.36 7.74 0.99
N ASN A 279 12.27 6.41 1.09
CA ASN A 279 11.43 5.77 2.11
C ASN A 279 12.28 4.82 2.97
N PRO A 280 12.86 5.33 4.07
CA PRO A 280 13.68 4.52 4.97
C PRO A 280 13.11 3.19 5.45
N SER A 281 11.79 3.12 5.61
CA SER A 281 11.14 1.90 6.08
C SER A 281 11.11 0.77 5.05
N LEU A 282 11.41 1.09 3.80
CA LEU A 282 11.42 0.08 2.74
C LEU A 282 12.79 -0.57 2.55
N GLY A 283 13.78 -0.10 3.30
CA GLY A 283 15.10 -0.69 3.20
C GLY A 283 15.04 -2.06 3.84
N LYS A 284 15.44 -3.09 3.11
CA LYS A 284 15.41 -4.45 3.63
C LYS A 284 16.41 -4.68 4.77
N THR A 285 17.47 -3.88 4.80
CA THR A 285 18.49 -3.99 5.84
C THR A 285 18.84 -2.59 6.31
N PRO A 286 19.54 -2.47 7.47
CA PRO A 286 19.92 -1.15 7.97
C PRO A 286 20.85 -0.38 7.04
N GLU A 287 21.65 -1.08 6.25
CA GLU A 287 22.56 -0.39 5.34
C GLU A 287 21.92 -0.02 3.99
N GLU A 288 20.79 -0.63 3.66
CA GLU A 288 20.11 -0.28 2.41
C GLU A 288 19.54 1.12 2.66
N VAL A 289 19.12 1.37 3.89
CA VAL A 289 18.57 2.67 4.28
C VAL A 289 19.69 3.68 4.30
N THR A 290 20.83 3.27 4.86
CA THR A 290 22.00 4.14 4.93
C THR A 290 22.55 4.45 3.53
N ARG A 291 22.57 3.44 2.68
CA ARG A 291 23.07 3.59 1.32
C ARG A 291 22.19 4.53 0.50
N THR A 292 20.87 4.46 0.71
CA THR A 292 19.92 5.30 0.00
C THR A 292 20.04 6.76 0.41
N VAL A 293 19.96 7.01 1.72
CA VAL A 293 20.06 8.37 2.25
C VAL A 293 21.42 8.97 1.91
N ASN A 294 22.49 8.18 2.02
CA ASN A 294 23.81 8.70 1.71
C ASN A 294 23.88 9.19 0.28
N THR A 295 23.30 8.41 -0.64
CA THR A 295 23.28 8.75 -2.06
C THR A 295 22.42 10.00 -2.29
N ALA A 296 21.28 10.08 -1.60
CA ALA A 296 20.36 11.23 -1.73
C ALA A 296 21.03 12.52 -1.26
N VAL A 297 21.85 12.42 -0.22
CA VAL A 297 22.57 13.58 0.33
C VAL A 297 23.66 14.01 -0.66
N ALA A 298 24.41 13.01 -1.15
CA ALA A 298 25.50 13.25 -2.10
C ALA A 298 25.00 13.99 -3.32
N ILE A 299 23.84 13.58 -3.83
CA ILE A 299 23.29 14.24 -5.00
C ILE A 299 22.80 15.64 -4.65
N THR A 300 22.32 15.82 -3.41
CA THR A 300 21.86 17.14 -2.98
C THR A 300 23.06 18.10 -2.89
N LEU A 301 24.15 17.63 -2.30
CA LEU A 301 25.36 18.45 -2.15
C LEU A 301 25.95 18.82 -3.51
N ALA A 302 25.80 17.96 -4.50
CA ALA A 302 26.30 18.21 -5.84
C ALA A 302 25.53 19.39 -6.46
N CYS A 303 24.23 19.44 -6.20
CA CYS A 303 23.41 20.51 -6.74
C CYS A 303 23.88 21.87 -6.26
N PHE A 304 24.53 21.89 -5.11
CA PHE A 304 24.99 23.14 -4.54
C PHE A 304 26.49 23.35 -4.49
N GLY A 305 27.20 22.80 -5.48
CA GLY A 305 28.64 23.03 -5.55
C GLY A 305 29.68 21.96 -5.29
N LEU A 306 29.36 20.95 -4.49
CA LEU A 306 30.36 19.92 -4.21
C LEU A 306 30.75 19.22 -5.52
N ALA A 307 32.02 19.35 -5.89
CA ALA A 307 32.55 18.75 -7.11
C ALA A 307 33.51 17.61 -6.81
N ARG A 308 33.45 16.56 -7.63
CA ARG A 308 34.33 15.41 -7.44
C ARG A 308 35.79 15.73 -7.74
N GLU A 309 36.04 16.79 -8.51
CA GLU A 309 37.41 17.16 -8.83
C GLU A 309 38.00 17.98 -7.66
N GLY A 310 37.12 18.43 -6.76
CA GLY A 310 37.56 19.20 -5.62
C GLY A 310 37.06 20.63 -5.67
N ASN A 311 37.20 21.32 -4.55
CA ASN A 311 36.79 22.72 -4.40
C ASN A 311 37.83 23.36 -3.49
N HIS A 312 38.01 24.67 -3.61
CA HIS A 312 38.93 25.38 -2.73
C HIS A 312 38.50 26.84 -2.61
N LYS A 313 38.92 27.48 -1.52
CA LYS A 313 38.55 28.87 -1.29
C LYS A 313 39.48 29.82 -2.03
N PRO A 314 39.06 31.07 -2.21
CA PRO A 314 39.84 32.13 -2.90
C PRO A 314 41.02 32.59 -2.05
N ILE A 315 41.84 31.64 -1.62
CA ILE A 315 43.00 31.93 -0.79
C ILE A 315 44.21 31.16 -1.34
N ASP A 316 45.40 31.61 -0.97
CA ASP A 316 46.62 30.97 -1.43
C ASP A 316 47.04 29.89 -0.43
N TYR A 317 46.56 28.66 -0.64
CA TYR A 317 46.86 27.54 0.23
C TYR A 317 48.37 27.23 0.29
N SER B 5 -25.41 -21.03 -10.13
CA SER B 5 -25.96 -21.21 -8.76
C SER B 5 -24.81 -21.38 -7.78
N ARG B 6 -25.03 -21.01 -6.52
CA ARG B 6 -24.00 -21.13 -5.50
C ARG B 6 -23.70 -22.54 -5.06
N THR B 7 -22.61 -23.07 -5.61
CA THR B 7 -22.14 -24.42 -5.33
C THR B 7 -21.12 -24.32 -4.21
N ILE B 8 -21.38 -25.03 -3.11
CA ILE B 8 -20.49 -24.98 -1.94
C ILE B 8 -19.81 -26.29 -1.59
N GLY B 9 -18.57 -26.17 -1.09
CA GLY B 9 -17.81 -27.34 -0.68
C GLY B 9 -17.41 -27.14 0.77
N ILE B 10 -18.12 -27.83 1.67
CA ILE B 10 -17.87 -27.72 3.11
C ILE B 10 -16.62 -28.50 3.58
N ILE B 11 -15.78 -27.81 4.35
CA ILE B 11 -14.57 -28.41 4.92
C ILE B 11 -14.62 -28.12 6.41
N GLY B 12 -14.71 -29.17 7.23
CA GLY B 12 -14.72 -28.97 8.67
C GLY B 12 -13.26 -28.95 9.12
N ALA B 13 -12.89 -27.97 9.94
CA ALA B 13 -11.51 -27.86 10.42
C ALA B 13 -11.43 -27.73 11.94
N PRO B 14 -11.64 -28.84 12.67
CA PRO B 14 -11.59 -28.85 14.14
C PRO B 14 -10.19 -28.72 14.74
N PHE B 15 -9.57 -27.55 14.55
CA PHE B 15 -8.21 -27.28 15.04
C PHE B 15 -8.17 -26.12 16.03
N SER B 16 -7.36 -26.25 17.08
CA SER B 16 -7.26 -25.21 18.11
C SER B 16 -5.87 -24.78 18.53
N LYS B 17 -4.85 -25.54 18.12
CA LYS B 17 -3.48 -25.25 18.53
C LYS B 17 -2.84 -23.93 18.09
N GLY B 18 -3.57 -23.14 17.30
CA GLY B 18 -3.04 -21.86 16.89
C GLY B 18 -3.19 -20.87 18.04
N GLN B 19 -3.89 -21.31 19.07
CA GLN B 19 -4.12 -20.51 20.26
C GLN B 19 -4.33 -21.42 21.49
N PRO B 20 -4.27 -20.86 22.71
CA PRO B 20 -4.43 -21.59 23.97
C PRO B 20 -5.74 -22.31 24.34
N ARG B 21 -6.89 -21.72 24.01
CA ARG B 21 -8.19 -22.31 24.34
C ARG B 21 -8.62 -23.43 23.37
N GLY B 22 -8.81 -24.63 23.90
CA GLY B 22 -9.18 -25.77 23.06
C GLY B 22 -10.60 -25.90 22.54
N GLY B 23 -11.53 -25.10 23.07
CA GLY B 23 -12.91 -25.18 22.64
C GLY B 23 -13.26 -24.87 21.19
N VAL B 24 -12.44 -24.06 20.51
CA VAL B 24 -12.71 -23.70 19.12
C VAL B 24 -12.82 -24.94 18.23
N GLU B 25 -12.25 -26.05 18.70
CA GLU B 25 -12.29 -27.30 17.96
C GLU B 25 -13.73 -27.78 17.74
N GLU B 26 -14.64 -27.30 18.58
CA GLU B 26 -16.04 -27.68 18.49
C GLU B 26 -16.83 -26.83 17.51
N GLY B 27 -16.12 -26.01 16.73
CA GLY B 27 -16.76 -25.13 15.77
C GLY B 27 -17.49 -25.81 14.62
N PRO B 28 -16.83 -26.71 13.89
CA PRO B 28 -17.47 -27.39 12.77
C PRO B 28 -18.68 -28.21 13.24
N THR B 29 -18.62 -28.64 14.49
CA THR B 29 -19.67 -29.45 15.09
C THR B 29 -20.91 -28.65 15.40
N VAL B 30 -20.72 -27.59 16.19
CA VAL B 30 -21.83 -26.73 16.58
C VAL B 30 -22.49 -26.09 15.36
N LEU B 31 -21.67 -25.71 14.39
CA LEU B 31 -22.18 -25.10 13.16
C LEU B 31 -23.09 -26.07 12.44
N ARG B 32 -22.64 -27.31 12.31
CA ARG B 32 -23.44 -28.35 11.65
C ARG B 32 -24.71 -28.70 12.43
N LYS B 33 -24.60 -28.79 13.77
CA LYS B 33 -25.77 -29.11 14.60
C LYS B 33 -26.84 -28.03 14.50
N ALA B 34 -26.43 -26.82 14.14
CA ALA B 34 -27.35 -25.70 13.99
C ALA B 34 -28.04 -25.76 12.64
N GLY B 35 -27.83 -26.88 11.92
CA GLY B 35 -28.46 -27.08 10.63
C GLY B 35 -27.98 -26.21 9.49
N LEU B 36 -26.70 -25.86 9.48
CA LEU B 36 -26.15 -25.02 8.43
C LEU B 36 -26.30 -25.69 7.07
N LEU B 37 -26.08 -27.01 7.01
CA LEU B 37 -26.19 -27.75 5.77
C LEU B 37 -27.58 -27.69 5.17
N GLU B 38 -28.59 -28.05 5.95
CA GLU B 38 -29.97 -28.03 5.46
C GLU B 38 -30.36 -26.63 4.99
N LYS B 39 -30.08 -25.64 5.83
CA LYS B 39 -30.41 -24.25 5.54
C LYS B 39 -29.86 -23.73 4.21
N LEU B 40 -28.62 -24.10 3.88
CA LEU B 40 -28.03 -23.67 2.63
C LEU B 40 -28.77 -24.32 1.46
N LYS B 41 -29.13 -25.60 1.62
CA LYS B 41 -29.86 -26.32 0.58
C LYS B 41 -31.24 -25.70 0.42
N GLU B 42 -31.75 -25.09 1.49
CA GLU B 42 -33.05 -24.45 1.45
C GLU B 42 -32.99 -23.22 0.56
N GLN B 43 -31.78 -22.90 0.10
CA GLN B 43 -31.55 -21.79 -0.81
C GLN B 43 -31.17 -22.39 -2.16
N GLU B 44 -30.70 -21.58 -3.09
CA GLU B 44 -30.32 -22.09 -4.41
C GLU B 44 -28.98 -22.83 -4.34
N CYS B 45 -28.65 -23.36 -3.18
CA CYS B 45 -27.34 -24.00 -3.00
C CYS B 45 -27.17 -25.47 -3.31
N ASP B 46 -26.04 -25.78 -3.95
CA ASP B 46 -25.65 -27.14 -4.30
C ASP B 46 -24.56 -27.40 -3.26
N VAL B 47 -24.86 -28.22 -2.26
CA VAL B 47 -23.91 -28.50 -1.19
C VAL B 47 -23.33 -29.91 -1.10
N LYS B 48 -22.00 -30.00 -0.99
CA LYS B 48 -21.30 -31.26 -0.83
C LYS B 48 -20.41 -31.10 0.41
N ASP B 49 -20.64 -31.94 1.41
CA ASP B 49 -19.87 -31.87 2.64
C ASP B 49 -18.63 -32.75 2.54
N TYR B 50 -17.46 -32.12 2.47
CA TYR B 50 -16.21 -32.89 2.37
C TYR B 50 -15.76 -33.46 3.71
N GLY B 51 -16.62 -33.33 4.72
CA GLY B 51 -16.30 -33.84 6.04
C GLY B 51 -15.34 -32.97 6.83
N ASP B 52 -15.09 -33.38 8.07
CA ASP B 52 -14.16 -32.67 8.94
C ASP B 52 -12.78 -33.28 8.77
N LEU B 53 -11.78 -32.44 8.58
CA LEU B 53 -10.42 -32.92 8.39
C LEU B 53 -9.86 -33.54 9.67
N PRO B 54 -9.16 -34.67 9.53
CA PRO B 54 -8.58 -35.33 10.70
C PRO B 54 -7.14 -34.86 10.87
N PHE B 55 -6.92 -34.03 11.90
CA PHE B 55 -5.59 -33.50 12.18
C PHE B 55 -4.88 -34.42 13.16
N ALA B 56 -3.81 -35.05 12.69
CA ALA B 56 -3.02 -35.97 13.51
C ALA B 56 -2.23 -35.20 14.57
N ASP B 57 -2.35 -35.64 15.82
CA ASP B 57 -1.65 -35.02 16.93
C ASP B 57 -0.12 -35.15 16.83
N ILE B 58 0.59 -34.07 17.15
CA ILE B 58 2.05 -34.06 17.11
C ILE B 58 2.60 -33.90 18.52
N PRO B 59 3.07 -35.01 19.12
CA PRO B 59 3.63 -35.05 20.48
C PRO B 59 4.82 -34.16 20.74
N ASN B 60 5.87 -34.31 19.94
CA ASN B 60 7.08 -33.51 20.11
C ASN B 60 6.98 -32.26 19.24
N ASP B 61 6.15 -31.31 19.66
CA ASP B 61 5.98 -30.07 18.90
C ASP B 61 6.49 -28.90 19.72
N SER B 62 7.79 -28.92 20.00
CA SER B 62 8.45 -27.88 20.78
C SER B 62 8.27 -26.49 20.17
N PRO B 63 8.41 -25.45 21.01
CA PRO B 63 8.27 -24.05 20.57
C PRO B 63 9.43 -23.52 19.73
N PHE B 64 9.10 -22.73 18.71
CA PHE B 64 10.11 -22.10 17.87
C PHE B 64 10.16 -20.68 18.43
N GLN B 65 11.18 -20.38 19.23
CA GLN B 65 11.28 -19.08 19.87
C GLN B 65 10.08 -19.05 20.82
N ILE B 66 9.23 -18.03 20.73
CA ILE B 66 8.05 -17.96 21.59
C ILE B 66 6.81 -18.55 20.90
N VAL B 67 6.95 -18.90 19.63
CA VAL B 67 5.85 -19.46 18.85
C VAL B 67 5.48 -20.89 19.30
N LYS B 68 4.22 -21.07 19.68
CA LYS B 68 3.74 -22.38 20.14
C LYS B 68 3.07 -23.26 19.08
N ASN B 69 3.21 -24.57 19.25
CA ASN B 69 2.63 -25.57 18.35
C ASN B 69 2.91 -25.31 16.88
N PRO B 70 4.16 -24.96 16.54
CA PRO B 70 4.50 -24.68 15.13
C PRO B 70 4.18 -25.79 14.14
N ARG B 71 4.57 -27.01 14.47
CA ARG B 71 4.34 -28.15 13.59
C ARG B 71 2.87 -28.55 13.47
N SER B 72 2.14 -28.49 14.58
CA SER B 72 0.73 -28.85 14.56
C SER B 72 -0.07 -27.84 13.73
N VAL B 73 0.27 -26.57 13.89
CA VAL B 73 -0.39 -25.50 13.16
C VAL B 73 0.00 -25.53 11.68
N GLY B 74 1.30 -25.74 11.44
CA GLY B 74 1.78 -25.80 10.08
C GLY B 74 1.20 -26.97 9.32
N LYS B 75 1.12 -28.13 9.97
CA LYS B 75 0.58 -29.34 9.36
C LYS B 75 -0.93 -29.26 9.09
N ALA B 76 -1.67 -28.67 10.03
CA ALA B 76 -3.11 -28.52 9.87
C ALA B 76 -3.44 -27.66 8.65
N SER B 77 -2.67 -26.59 8.45
CA SER B 77 -2.86 -25.69 7.31
C SER B 77 -2.47 -26.37 6.02
N GLU B 78 -1.42 -27.18 6.06
CA GLU B 78 -0.96 -27.89 4.87
C GLU B 78 -2.08 -28.83 4.43
N GLN B 79 -2.60 -29.59 5.38
CA GLN B 79 -3.71 -30.51 5.11
C GLN B 79 -4.86 -29.73 4.50
N LEU B 80 -5.24 -28.65 5.18
CA LEU B 80 -6.34 -27.80 4.74
C LEU B 80 -6.17 -27.22 3.35
N ALA B 81 -4.96 -26.76 3.01
CA ALA B 81 -4.69 -26.18 1.69
C ALA B 81 -4.92 -27.20 0.58
N GLY B 82 -4.58 -28.46 0.84
CA GLY B 82 -4.77 -29.49 -0.16
C GLY B 82 -6.24 -29.74 -0.39
N LYS B 83 -7.03 -29.67 0.69
CA LYS B 83 -8.46 -29.91 0.63
C LYS B 83 -9.24 -28.74 0.01
N VAL B 84 -8.73 -27.51 0.15
CA VAL B 84 -9.40 -26.35 -0.44
C VAL B 84 -9.13 -26.33 -1.94
N ALA B 85 -7.90 -26.64 -2.31
CA ALA B 85 -7.54 -26.66 -3.72
C ALA B 85 -8.37 -27.74 -4.40
N GLU B 86 -8.75 -28.77 -3.63
CA GLU B 86 -9.56 -29.87 -4.15
C GLU B 86 -10.99 -29.43 -4.43
N VAL B 87 -11.61 -28.76 -3.48
CA VAL B 87 -12.98 -28.29 -3.66
C VAL B 87 -13.03 -27.27 -4.80
N LYS B 88 -11.98 -26.46 -4.93
CA LYS B 88 -11.93 -25.46 -5.99
C LYS B 88 -11.88 -26.14 -7.36
N LYS B 89 -11.06 -27.18 -7.48
CA LYS B 89 -10.95 -27.94 -8.71
C LYS B 89 -12.33 -28.53 -9.05
N ASN B 90 -13.09 -28.89 -8.02
CA ASN B 90 -14.42 -29.45 -8.20
C ASN B 90 -15.42 -28.35 -8.57
N GLY B 91 -14.88 -27.16 -8.83
CA GLY B 91 -15.71 -26.02 -9.21
C GLY B 91 -16.70 -25.60 -8.16
N ARG B 92 -16.27 -25.57 -6.92
CA ARG B 92 -17.14 -25.19 -5.81
C ARG B 92 -16.51 -24.13 -4.93
N ILE B 93 -17.35 -23.46 -4.14
CA ILE B 93 -16.90 -22.44 -3.21
C ILE B 93 -16.49 -23.17 -1.94
N SER B 94 -15.27 -22.96 -1.47
CA SER B 94 -14.80 -23.63 -0.25
C SER B 94 -15.37 -22.96 1.00
N LEU B 95 -15.96 -23.76 1.88
CA LEU B 95 -16.55 -23.21 3.09
C LEU B 95 -15.87 -23.85 4.30
N VAL B 96 -14.81 -23.20 4.76
CA VAL B 96 -14.06 -23.72 5.90
C VAL B 96 -14.69 -23.30 7.22
N LEU B 97 -15.17 -24.29 7.97
CA LEU B 97 -15.76 -24.04 9.29
C LEU B 97 -14.65 -24.53 10.21
N GLY B 98 -14.03 -23.65 10.98
CA GLY B 98 -12.98 -24.18 11.81
C GLY B 98 -12.90 -23.75 13.25
N GLY B 99 -11.67 -23.83 13.75
CA GLY B 99 -11.34 -23.42 15.08
C GLY B 99 -10.66 -22.08 14.89
N ASP B 100 -9.41 -21.97 15.35
CA ASP B 100 -8.65 -20.73 15.26
C ASP B 100 -8.23 -20.29 13.86
N HIS B 101 -8.03 -18.97 13.73
CA HIS B 101 -7.67 -18.33 12.47
C HIS B 101 -6.30 -18.67 11.85
N SER B 102 -5.47 -19.45 12.55
CA SER B 102 -4.16 -19.81 12.00
C SER B 102 -4.38 -20.63 10.74
N LEU B 103 -5.53 -21.30 10.69
CA LEU B 103 -5.88 -22.13 9.56
C LEU B 103 -5.98 -21.32 8.25
N ALA B 104 -6.06 -19.99 8.38
CA ALA B 104 -6.18 -19.12 7.21
C ALA B 104 -4.99 -19.31 6.27
N ILE B 105 -3.84 -19.63 6.83
CA ILE B 105 -2.65 -19.86 6.02
C ILE B 105 -3.00 -20.94 5.00
N GLY B 106 -3.59 -22.04 5.49
CA GLY B 106 -3.96 -23.13 4.61
C GLY B 106 -5.15 -22.87 3.70
N SER B 107 -6.20 -22.23 4.22
CA SER B 107 -7.39 -21.92 3.44
C SER B 107 -7.08 -21.05 2.21
N ILE B 108 -6.35 -19.96 2.45
CA ILE B 108 -5.98 -19.02 1.40
C ILE B 108 -4.92 -19.60 0.45
N SER B 109 -3.95 -20.33 1.01
CA SER B 109 -2.89 -20.94 0.19
C SER B 109 -3.49 -21.91 -0.83
N GLY B 110 -4.30 -22.84 -0.36
CA GLY B 110 -4.91 -23.82 -1.24
C GLY B 110 -5.87 -23.20 -2.25
N HIS B 111 -6.51 -22.11 -1.84
CA HIS B 111 -7.43 -21.39 -2.69
C HIS B 111 -6.66 -20.71 -3.83
N ALA B 112 -5.55 -20.07 -3.47
CA ALA B 112 -4.70 -19.37 -4.42
C ALA B 112 -3.96 -20.30 -5.41
N ARG B 113 -3.87 -21.58 -5.08
CA ARG B 113 -3.21 -22.53 -5.99
C ARG B 113 -4.02 -22.63 -7.25
N VAL B 114 -5.35 -22.63 -7.10
CA VAL B 114 -6.24 -22.73 -8.25
C VAL B 114 -6.52 -21.33 -8.81
N HIS B 115 -6.72 -20.36 -7.93
CA HIS B 115 -6.97 -18.99 -8.37
C HIS B 115 -5.97 -18.05 -7.72
N PRO B 116 -4.77 -17.93 -8.31
CA PRO B 116 -3.68 -17.08 -7.82
C PRO B 116 -3.93 -15.57 -7.91
N ASP B 117 -5.03 -15.19 -8.54
CA ASP B 117 -5.36 -13.78 -8.70
C ASP B 117 -6.36 -13.27 -7.63
N LEU B 118 -6.81 -14.17 -6.76
CA LEU B 118 -7.78 -13.84 -5.72
C LEU B 118 -7.48 -12.59 -4.91
N GLY B 119 -8.55 -12.00 -4.39
CA GLY B 119 -8.45 -10.81 -3.56
C GLY B 119 -9.00 -11.23 -2.22
N VAL B 120 -8.48 -10.66 -1.14
CA VAL B 120 -8.93 -11.04 0.20
C VAL B 120 -9.57 -9.92 1.01
N ILE B 121 -10.68 -10.25 1.67
CA ILE B 121 -11.40 -9.35 2.55
C ILE B 121 -11.31 -10.02 3.92
N TRP B 122 -10.64 -9.35 4.85
CA TRP B 122 -10.44 -9.88 6.19
C TRP B 122 -11.28 -9.14 7.23
N VAL B 123 -12.38 -9.77 7.66
CA VAL B 123 -13.27 -9.17 8.66
C VAL B 123 -12.77 -9.66 10.01
N ASP B 124 -12.33 -8.73 10.85
CA ASP B 124 -11.74 -9.13 12.12
C ASP B 124 -11.51 -7.91 12.99
N ALA B 125 -11.44 -8.12 14.31
CA ALA B 125 -11.16 -7.03 15.22
C ALA B 125 -9.63 -6.88 15.22
N HIS B 126 -8.94 -7.94 14.77
CA HIS B 126 -7.47 -7.97 14.71
C HIS B 126 -6.90 -8.14 13.28
N THR B 127 -5.64 -7.73 13.08
CA THR B 127 -4.99 -7.86 11.77
C THR B 127 -4.42 -9.26 11.55
N ASP B 128 -4.07 -9.94 12.64
CA ASP B 128 -3.50 -11.28 12.55
C ASP B 128 -2.28 -11.30 11.62
N ILE B 129 -1.49 -10.23 11.66
CA ILE B 129 -0.34 -10.11 10.77
C ILE B 129 1.01 -10.09 11.51
N ASN B 130 1.02 -10.58 12.75
CA ASN B 130 2.28 -10.63 13.50
C ASN B 130 3.14 -11.69 12.83
N THR B 131 4.46 -11.49 12.85
CA THR B 131 5.39 -12.47 12.27
C THR B 131 5.93 -13.26 13.45
N PRO B 132 6.60 -14.40 13.19
CA PRO B 132 7.14 -15.19 14.31
C PRO B 132 8.13 -14.39 15.14
N LEU B 133 8.61 -13.28 14.57
CA LEU B 133 9.61 -12.43 15.21
C LEU B 133 9.06 -11.17 15.86
N THR B 134 7.79 -10.87 15.66
CA THR B 134 7.20 -9.68 16.25
C THR B 134 6.10 -10.00 17.24
N THR B 135 5.68 -11.27 17.25
CA THR B 135 4.62 -11.71 18.15
C THR B 135 5.07 -11.58 19.62
N THR B 136 4.15 -11.15 20.48
CA THR B 136 4.46 -11.00 21.89
C THR B 136 3.88 -12.16 22.69
N SER B 137 2.90 -12.84 22.11
CA SER B 137 2.25 -13.96 22.77
C SER B 137 2.70 -15.34 22.25
N GLY B 138 3.02 -15.42 20.97
CA GLY B 138 3.46 -16.68 20.39
C GLY B 138 2.36 -17.58 19.86
N ASN B 139 1.13 -17.06 19.77
CA ASN B 139 0.02 -17.85 19.26
C ASN B 139 -0.08 -17.59 17.76
N LEU B 140 -0.09 -18.67 16.98
CA LEU B 140 -0.14 -18.56 15.53
C LEU B 140 -1.43 -18.02 14.92
N HIS B 141 -2.53 -17.98 15.66
CA HIS B 141 -3.78 -17.46 15.10
C HIS B 141 -3.73 -15.94 14.97
N GLY B 142 -2.63 -15.35 15.45
CA GLY B 142 -2.44 -13.91 15.37
C GLY B 142 -1.31 -13.56 14.43
N GLN B 143 -0.92 -14.52 13.59
CA GLN B 143 0.16 -14.37 12.61
C GLN B 143 -0.19 -14.87 11.20
N PRO B 144 -1.41 -15.41 10.97
CA PRO B 144 -1.73 -15.91 9.63
C PRO B 144 -1.36 -15.04 8.41
N VAL B 145 -1.75 -13.77 8.43
CA VAL B 145 -1.48 -12.89 7.30
C VAL B 145 -0.01 -12.72 6.97
N SER B 146 0.86 -12.74 7.98
CA SER B 146 2.30 -12.57 7.75
C SER B 146 2.87 -13.69 6.87
N PHE B 147 2.46 -14.93 7.13
CA PHE B 147 2.96 -16.07 6.36
C PHE B 147 2.51 -16.03 4.90
N LEU B 148 1.42 -15.32 4.64
CA LEU B 148 0.86 -15.22 3.29
C LEU B 148 1.38 -14.06 2.46
N LEU B 149 1.69 -12.94 3.09
CA LEU B 149 2.17 -11.77 2.35
C LEU B 149 3.52 -11.90 1.67
N LYS B 150 3.55 -11.59 0.38
CA LYS B 150 4.77 -11.65 -0.42
C LYS B 150 5.80 -10.68 0.13
N GLU B 151 5.36 -9.43 0.35
CA GLU B 151 6.21 -8.35 0.86
C GLU B 151 6.86 -8.65 2.20
N LEU B 152 6.44 -9.72 2.85
CA LEU B 152 6.97 -10.07 4.16
C LEU B 152 7.94 -11.25 4.13
N LYS B 153 8.06 -11.90 2.98
CA LYS B 153 9.00 -13.02 2.84
C LYS B 153 10.37 -12.40 3.03
N GLY B 154 11.14 -12.94 3.97
CA GLY B 154 12.46 -12.41 4.26
C GLY B 154 12.38 -11.88 5.68
N LYS B 155 11.14 -11.60 6.12
CA LYS B 155 10.89 -11.11 7.45
C LYS B 155 10.44 -12.28 8.30
N ILE B 156 9.95 -13.31 7.61
CA ILE B 156 9.48 -14.53 8.25
C ILE B 156 10.65 -15.51 8.35
N PRO B 157 10.99 -15.95 9.57
CA PRO B 157 12.10 -16.89 9.72
C PRO B 157 11.58 -18.27 9.34
N ASP B 158 12.46 -19.25 9.19
CA ASP B 158 12.00 -20.59 8.83
C ASP B 158 11.47 -21.30 10.07
N VAL B 159 10.15 -21.46 10.13
CA VAL B 159 9.50 -22.10 11.28
C VAL B 159 9.11 -23.53 10.94
N PRO B 160 9.44 -24.48 11.84
CA PRO B 160 9.11 -25.90 11.61
C PRO B 160 7.63 -26.11 11.31
N GLY B 161 7.36 -26.88 10.25
CA GLY B 161 5.98 -27.15 9.87
C GLY B 161 5.45 -26.29 8.73
N PHE B 162 6.14 -25.19 8.44
CA PHE B 162 5.72 -24.29 7.37
C PHE B 162 6.69 -24.23 6.20
N SER B 163 7.24 -25.37 5.82
CA SER B 163 8.18 -25.40 4.71
C SER B 163 7.41 -25.24 3.43
N TRP B 164 6.26 -25.91 3.37
CA TRP B 164 5.38 -25.89 2.19
C TRP B 164 4.82 -24.53 1.84
N VAL B 165 4.84 -23.59 2.79
CA VAL B 165 4.29 -22.26 2.57
C VAL B 165 5.07 -21.30 1.67
N THR B 166 4.37 -20.77 0.67
CA THR B 166 4.95 -19.80 -0.25
C THR B 166 3.97 -18.64 -0.30
N PRO B 167 4.42 -17.43 0.11
CA PRO B 167 3.57 -16.22 0.11
C PRO B 167 2.72 -16.16 -1.16
N CYS B 168 1.41 -16.14 -1.00
CA CYS B 168 0.50 -16.15 -2.15
C CYS B 168 -0.29 -14.88 -2.44
N ILE B 169 -0.23 -13.88 -1.56
CA ILE B 169 -0.97 -12.67 -1.80
C ILE B 169 -0.17 -11.39 -1.57
N SER B 170 -0.33 -10.45 -2.50
CA SER B 170 0.36 -9.17 -2.43
C SER B 170 -0.36 -8.23 -1.48
N ALA B 171 0.38 -7.32 -0.85
CA ALA B 171 -0.20 -6.37 0.09
C ALA B 171 -1.35 -5.57 -0.53
N LYS B 172 -1.28 -5.34 -1.83
CA LYS B 172 -2.30 -4.56 -2.52
C LYS B 172 -3.62 -5.30 -2.71
N ASP B 173 -3.64 -6.61 -2.49
CA ASP B 173 -4.86 -7.41 -2.69
C ASP B 173 -5.62 -7.86 -1.45
N ILE B 174 -5.44 -7.17 -0.34
CA ILE B 174 -6.11 -7.51 0.89
C ILE B 174 -6.78 -6.27 1.49
N VAL B 175 -7.98 -6.45 2.05
CA VAL B 175 -8.69 -5.37 2.70
C VAL B 175 -9.19 -5.82 4.06
N TYR B 176 -8.93 -5.00 5.08
CA TYR B 176 -9.39 -5.29 6.44
C TYR B 176 -10.66 -4.51 6.74
N ILE B 177 -11.55 -5.10 7.53
CA ILE B 177 -12.78 -4.43 7.93
C ILE B 177 -13.10 -4.81 9.38
N GLY B 178 -13.25 -3.81 10.25
CA GLY B 178 -13.59 -4.09 11.64
C GLY B 178 -12.51 -3.98 12.71
N LEU B 179 -11.26 -3.74 12.29
CA LEU B 179 -10.12 -3.63 13.21
C LEU B 179 -10.30 -2.70 14.41
N ARG B 180 -9.87 -3.16 15.59
CA ARG B 180 -9.99 -2.33 16.78
C ARG B 180 -8.98 -2.69 17.89
N ASP B 181 -8.10 -3.65 17.63
CA ASP B 181 -7.07 -4.08 18.58
C ASP B 181 -5.84 -4.58 17.83
N VAL B 182 -5.05 -3.64 17.33
CA VAL B 182 -3.84 -3.92 16.55
C VAL B 182 -2.57 -3.65 17.35
N ASP B 183 -1.63 -4.60 17.32
CA ASP B 183 -0.35 -4.45 18.03
C ASP B 183 0.47 -3.32 17.39
N PRO B 184 1.45 -2.75 18.13
CA PRO B 184 2.27 -1.66 17.59
C PRO B 184 2.98 -2.09 16.32
N GLY B 185 3.53 -3.31 16.34
CA GLY B 185 4.22 -3.84 15.18
C GLY B 185 3.29 -4.12 14.02
N GLU B 186 2.10 -4.61 14.33
CA GLU B 186 1.13 -4.90 13.28
C GLU B 186 0.73 -3.61 12.60
N HIS B 187 0.59 -2.54 13.40
CA HIS B 187 0.23 -1.24 12.87
C HIS B 187 1.36 -0.71 11.96
N TYR B 188 2.59 -0.88 12.41
CA TYR B 188 3.76 -0.44 11.64
C TYR B 188 3.75 -1.12 10.28
N ILE B 189 3.53 -2.42 10.29
CA ILE B 189 3.49 -3.20 9.07
C ILE B 189 2.37 -2.69 8.17
N LEU B 190 1.18 -2.56 8.78
CA LEU B 190 -0.01 -2.09 8.09
C LEU B 190 0.29 -0.81 7.30
N LYS B 191 0.80 0.19 8.01
CA LYS B 191 1.11 1.49 7.43
C LYS B 191 2.29 1.45 6.46
N THR B 192 3.36 0.76 6.83
CA THR B 192 4.55 0.67 5.99
C THR B 192 4.29 0.00 4.65
N LEU B 193 3.59 -1.14 4.70
CA LEU B 193 3.23 -1.90 3.51
C LEU B 193 2.06 -1.27 2.75
N GLY B 194 1.34 -0.36 3.43
CA GLY B 194 0.21 0.30 2.83
C GLY B 194 -0.98 -0.60 2.55
N ILE B 195 -1.29 -1.49 3.50
CA ILE B 195 -2.40 -2.41 3.35
C ILE B 195 -3.72 -1.71 3.66
N LYS B 196 -4.66 -1.77 2.72
CA LYS B 196 -5.97 -1.13 2.89
C LYS B 196 -6.73 -1.71 4.09
N TYR B 197 -7.27 -0.82 4.92
CA TYR B 197 -8.02 -1.25 6.10
C TYR B 197 -9.13 -0.27 6.47
N PHE B 198 -10.23 -0.82 6.98
CA PHE B 198 -11.36 -0.02 7.44
C PHE B 198 -11.55 -0.42 8.90
N SER B 199 -10.80 0.21 9.81
CA SER B 199 -10.92 -0.11 11.22
C SER B 199 -12.29 0.43 11.67
N MET B 200 -12.66 0.16 12.92
CA MET B 200 -13.93 0.64 13.41
C MET B 200 -14.06 2.15 13.24
N THR B 201 -12.94 2.86 13.33
CA THR B 201 -12.92 4.31 13.18
C THR B 201 -13.49 4.71 11.82
N GLU B 202 -13.03 4.01 10.78
CA GLU B 202 -13.48 4.24 9.40
C GLU B 202 -14.93 3.82 9.21
N VAL B 203 -15.31 2.70 9.83
CA VAL B 203 -16.68 2.23 9.74
C VAL B 203 -17.61 3.29 10.36
N ASP B 204 -17.19 3.86 11.49
CA ASP B 204 -17.98 4.90 12.16
C ASP B 204 -18.03 6.16 11.30
N ARG B 205 -16.92 6.46 10.65
CA ARG B 205 -16.83 7.66 9.82
C ARG B 205 -17.63 7.58 8.51
N LEU B 206 -17.40 6.52 7.73
CA LEU B 206 -18.05 6.35 6.44
C LEU B 206 -19.39 5.64 6.43
N GLY B 207 -19.61 4.78 7.40
CA GLY B 207 -20.83 4.00 7.43
C GLY B 207 -20.50 2.76 6.64
N ILE B 208 -21.03 1.63 7.07
CA ILE B 208 -20.76 0.35 6.42
C ILE B 208 -21.11 0.35 4.93
N GLY B 209 -22.01 1.23 4.52
CA GLY B 209 -22.41 1.29 3.12
C GLY B 209 -21.28 1.77 2.22
N LYS B 210 -20.64 2.87 2.61
CA LYS B 210 -19.54 3.41 1.82
C LYS B 210 -18.32 2.52 2.01
N VAL B 211 -18.25 1.85 3.16
CA VAL B 211 -17.14 0.94 3.43
C VAL B 211 -17.11 -0.20 2.41
N MET B 212 -18.27 -0.81 2.14
CA MET B 212 -18.32 -1.92 1.18
C MET B 212 -18.12 -1.46 -0.26
N GLU B 213 -18.67 -0.31 -0.59
CA GLU B 213 -18.53 0.23 -1.95
C GLU B 213 -17.05 0.52 -2.22
N GLU B 214 -16.38 1.05 -1.21
CA GLU B 214 -14.96 1.38 -1.32
C GLU B 214 -14.05 0.14 -1.29
N THR B 215 -14.39 -0.84 -0.45
CA THR B 215 -13.57 -2.06 -0.39
C THR B 215 -13.71 -2.86 -1.68
N LEU B 216 -14.93 -2.93 -2.21
CA LEU B 216 -15.16 -3.69 -3.44
C LEU B 216 -14.56 -3.00 -4.65
N SER B 217 -14.63 -1.67 -4.71
CA SER B 217 -14.06 -0.97 -5.86
C SER B 217 -12.55 -1.00 -5.75
N TYR B 218 -12.02 -1.11 -4.54
CA TYR B 218 -10.57 -1.18 -4.35
C TYR B 218 -10.01 -2.51 -4.84
N LEU B 219 -10.77 -3.58 -4.65
CA LEU B 219 -10.34 -4.92 -5.05
C LEU B 219 -10.86 -5.36 -6.42
N LEU B 220 -11.99 -4.83 -6.85
CA LEU B 220 -12.55 -5.23 -8.13
C LEU B 220 -12.54 -4.14 -9.18
N GLY B 221 -11.91 -3.01 -8.85
CA GLY B 221 -11.84 -1.92 -9.81
C GLY B 221 -11.19 -2.36 -11.10
N ARG B 222 -9.86 -2.43 -11.11
CA ARG B 222 -9.10 -2.84 -12.30
C ARG B 222 -9.64 -4.10 -12.96
N LYS B 223 -9.60 -5.21 -12.23
CA LYS B 223 -10.08 -6.49 -12.76
C LYS B 223 -11.00 -7.19 -11.80
N LYS B 224 -11.94 -7.95 -12.36
CA LYS B 224 -12.88 -8.72 -11.59
C LYS B 224 -12.21 -10.07 -11.38
N ARG B 225 -11.86 -10.38 -10.13
CA ARG B 225 -11.20 -11.64 -9.81
C ARG B 225 -11.81 -12.31 -8.58
N PRO B 226 -11.44 -13.57 -8.31
CA PRO B 226 -11.97 -14.33 -7.16
C PRO B 226 -11.78 -13.65 -5.81
N ILE B 227 -12.81 -13.75 -4.96
CA ILE B 227 -12.76 -13.15 -3.63
C ILE B 227 -12.72 -14.20 -2.51
N HIS B 228 -11.81 -14.02 -1.56
CA HIS B 228 -11.74 -14.92 -0.42
C HIS B 228 -12.15 -14.12 0.81
N LEU B 229 -13.23 -14.54 1.46
CA LEU B 229 -13.68 -13.84 2.68
C LEU B 229 -13.29 -14.64 3.91
N SER B 230 -12.32 -14.12 4.66
CA SER B 230 -11.89 -14.77 5.90
C SER B 230 -12.63 -14.04 7.02
N PHE B 231 -13.64 -14.71 7.59
CA PHE B 231 -14.45 -14.11 8.64
C PHE B 231 -14.17 -14.60 10.08
N ASP B 232 -13.61 -13.72 10.89
CA ASP B 232 -13.34 -14.02 12.29
C ASP B 232 -14.59 -13.52 13.03
N VAL B 233 -15.27 -14.42 13.74
CA VAL B 233 -16.47 -14.05 14.46
C VAL B 233 -16.23 -12.94 15.47
N ASP B 234 -15.00 -12.76 15.94
CA ASP B 234 -14.75 -11.69 16.90
C ASP B 234 -14.68 -10.32 16.24
N GLY B 235 -14.98 -10.30 14.95
CA GLY B 235 -15.00 -9.03 14.21
C GLY B 235 -16.29 -8.31 14.58
N LEU B 236 -17.32 -9.09 14.91
CA LEU B 236 -18.60 -8.51 15.30
C LEU B 236 -18.52 -8.23 16.80
N ASP B 237 -19.38 -7.34 17.29
CA ASP B 237 -19.40 -6.98 18.71
C ASP B 237 -19.74 -8.21 19.56
N PRO B 238 -19.11 -8.35 20.73
CA PRO B 238 -19.33 -9.47 21.65
C PRO B 238 -20.79 -9.61 22.11
N SER B 239 -21.63 -8.61 21.81
CA SER B 239 -23.03 -8.67 22.20
C SER B 239 -23.77 -9.58 21.24
N PHE B 240 -23.10 -9.93 20.14
CA PHE B 240 -23.68 -10.82 19.14
C PHE B 240 -22.91 -12.13 19.07
N THR B 241 -21.60 -12.06 19.27
CA THR B 241 -20.75 -13.25 19.22
C THR B 241 -19.84 -13.37 20.46
N PRO B 242 -20.44 -13.50 21.66
CA PRO B 242 -19.69 -13.63 22.91
C PRO B 242 -18.77 -14.85 23.04
N ALA B 243 -19.22 -16.00 22.55
CA ALA B 243 -18.44 -17.24 22.61
C ALA B 243 -17.29 -17.30 21.60
N THR B 244 -16.22 -16.56 21.90
CA THR B 244 -15.04 -16.52 21.04
C THR B 244 -13.84 -16.23 21.94
N GLY B 245 -12.66 -16.68 21.51
CA GLY B 245 -11.44 -16.51 22.29
C GLY B 245 -10.95 -15.13 22.67
N THR B 246 -10.95 -14.19 21.72
CA THR B 246 -10.48 -12.84 22.00
C THR B 246 -11.47 -11.76 21.56
N PRO B 247 -12.52 -11.52 22.38
CA PRO B 247 -13.54 -10.52 22.07
C PRO B 247 -13.05 -9.11 22.40
N VAL B 248 -13.57 -8.13 21.66
CA VAL B 248 -13.22 -6.73 21.85
C VAL B 248 -14.48 -5.88 21.67
N VAL B 249 -14.77 -5.03 22.65
CA VAL B 249 -15.95 -4.16 22.60
C VAL B 249 -15.91 -3.22 21.41
N GLY B 250 -17.06 -2.65 21.07
CA GLY B 250 -17.18 -1.71 19.97
C GLY B 250 -17.03 -2.32 18.58
N GLY B 251 -17.48 -3.56 18.41
CA GLY B 251 -17.34 -4.22 17.13
C GLY B 251 -18.45 -3.99 16.13
N LEU B 252 -18.42 -4.77 15.05
CA LEU B 252 -19.43 -4.67 14.01
C LEU B 252 -20.77 -5.20 14.51
N THR B 253 -21.83 -4.48 14.14
CA THR B 253 -23.19 -4.83 14.52
C THR B 253 -23.64 -6.07 13.77
N TYR B 254 -24.72 -6.70 14.25
CA TYR B 254 -25.28 -7.88 13.60
C TYR B 254 -25.60 -7.41 12.18
N ARG B 255 -26.37 -6.32 12.10
CA ARG B 255 -26.75 -5.72 10.80
C ARG B 255 -25.56 -5.47 9.87
N GLU B 256 -24.49 -4.87 10.39
CA GLU B 256 -23.30 -4.58 9.60
C GLU B 256 -22.63 -5.86 9.10
N GLY B 257 -22.74 -6.92 9.88
CA GLY B 257 -22.16 -8.20 9.49
C GLY B 257 -22.90 -8.75 8.28
N LEU B 258 -24.22 -8.71 8.34
CA LEU B 258 -25.06 -9.18 7.24
C LEU B 258 -24.83 -8.34 5.99
N TYR B 259 -24.65 -7.03 6.16
CA TYR B 259 -24.43 -6.15 5.02
C TYR B 259 -23.14 -6.46 4.27
N ILE B 260 -22.07 -6.66 5.03
CA ILE B 260 -20.76 -6.99 4.47
C ILE B 260 -20.95 -8.18 3.54
N THR B 261 -21.50 -9.26 4.09
CA THR B 261 -21.72 -10.50 3.36
C THR B 261 -22.77 -10.46 2.24
N GLU B 262 -23.84 -9.68 2.41
CA GLU B 262 -24.87 -9.58 1.37
C GLU B 262 -24.28 -8.89 0.15
N GLU B 263 -23.39 -7.92 0.39
CA GLU B 263 -22.76 -7.20 -0.71
C GLU B 263 -21.71 -8.06 -1.41
N ILE B 264 -20.96 -8.84 -0.63
CA ILE B 264 -19.95 -9.70 -1.20
C ILE B 264 -20.63 -10.75 -2.08
N TYR B 265 -21.77 -11.24 -1.63
CA TYR B 265 -22.53 -12.22 -2.38
C TYR B 265 -22.95 -11.68 -3.74
N LYS B 266 -23.53 -10.49 -3.75
CA LYS B 266 -24.02 -9.88 -4.98
C LYS B 266 -22.96 -9.63 -6.06
N THR B 267 -21.70 -9.61 -5.68
CA THR B 267 -20.64 -9.42 -6.67
C THR B 267 -20.59 -10.68 -7.51
N GLY B 268 -20.98 -11.79 -6.90
CA GLY B 268 -20.97 -13.07 -7.59
C GLY B 268 -19.56 -13.59 -7.73
N LEU B 269 -18.63 -13.03 -6.94
CA LEU B 269 -17.23 -13.42 -7.02
C LEU B 269 -16.68 -14.14 -5.80
N LEU B 270 -17.54 -14.42 -4.82
CA LEU B 270 -17.09 -15.13 -3.62
C LEU B 270 -16.55 -16.49 -4.07
N SER B 271 -15.31 -16.80 -3.70
CA SER B 271 -14.69 -18.06 -4.12
C SER B 271 -14.29 -18.94 -2.94
N GLY B 272 -14.02 -18.30 -1.81
CA GLY B 272 -13.63 -19.01 -0.62
C GLY B 272 -14.21 -18.31 0.59
N LEU B 273 -14.50 -19.06 1.65
CA LEU B 273 -15.09 -18.47 2.85
C LEU B 273 -14.65 -19.19 4.12
N ASP B 274 -14.27 -18.43 5.13
CA ASP B 274 -13.86 -18.99 6.42
C ASP B 274 -14.77 -18.43 7.50
N ILE B 275 -15.20 -19.30 8.40
CA ILE B 275 -16.03 -18.90 9.54
C ILE B 275 -15.21 -19.38 10.73
N MET B 276 -14.34 -18.50 11.23
CA MET B 276 -13.43 -18.82 12.31
C MET B 276 -13.73 -18.30 13.71
N GLU B 277 -12.99 -18.86 14.66
CA GLU B 277 -13.04 -18.52 16.09
C GLU B 277 -14.33 -18.74 16.87
N VAL B 278 -15.25 -19.57 16.40
CA VAL B 278 -16.43 -19.83 17.20
C VAL B 278 -16.00 -20.84 18.27
N ASN B 279 -16.15 -20.46 19.53
CA ASN B 279 -15.75 -21.33 20.64
C ASN B 279 -16.88 -21.48 21.64
N PRO B 280 -17.77 -22.47 21.41
CA PRO B 280 -18.92 -22.71 22.28
C PRO B 280 -18.68 -22.79 23.80
N SER B 281 -17.54 -23.33 24.22
CA SER B 281 -17.26 -23.44 25.65
C SER B 281 -16.93 -22.10 26.32
N LEU B 282 -16.85 -21.03 25.52
CA LEU B 282 -16.51 -19.73 26.07
C LEU B 282 -17.73 -18.85 26.35
N GLY B 283 -18.93 -19.40 26.15
CA GLY B 283 -20.12 -18.63 26.44
C GLY B 283 -20.37 -18.76 27.93
N LYS B 284 -20.85 -17.70 28.58
CA LYS B 284 -21.11 -17.74 30.01
C LYS B 284 -22.41 -18.48 30.27
N THR B 285 -23.21 -18.66 29.22
CA THR B 285 -24.49 -19.33 29.33
C THR B 285 -24.75 -20.13 28.06
N PRO B 286 -25.70 -21.07 28.09
CA PRO B 286 -26.01 -21.87 26.91
C PRO B 286 -26.60 -21.03 25.78
N GLU B 287 -27.14 -19.87 26.13
CA GLU B 287 -27.74 -19.00 25.12
C GLU B 287 -26.69 -18.09 24.49
N GLU B 288 -25.57 -17.87 25.17
CA GLU B 288 -24.51 -17.05 24.61
C GLU B 288 -23.89 -17.86 23.49
N VAL B 289 -23.99 -19.17 23.65
CA VAL B 289 -23.47 -20.13 22.68
C VAL B 289 -24.36 -20.11 21.45
N THR B 290 -25.67 -20.20 21.66
CA THR B 290 -26.63 -20.20 20.56
C THR B 290 -26.62 -18.86 19.84
N ARG B 291 -26.48 -17.78 20.60
CA ARG B 291 -26.46 -16.44 20.03
C ARG B 291 -25.28 -16.32 19.09
N THR B 292 -24.15 -16.84 19.54
CA THR B 292 -22.93 -16.81 18.75
C THR B 292 -23.05 -17.69 17.52
N VAL B 293 -23.51 -18.92 17.71
CA VAL B 293 -23.66 -19.87 16.61
C VAL B 293 -24.70 -19.41 15.58
N ASN B 294 -25.87 -18.96 16.03
CA ASN B 294 -26.91 -18.50 15.11
C ASN B 294 -26.46 -17.30 14.29
N THR B 295 -25.63 -16.45 14.89
CA THR B 295 -25.11 -15.27 14.19
C THR B 295 -24.16 -15.74 13.10
N ALA B 296 -23.36 -16.75 13.40
CA ALA B 296 -22.41 -17.31 12.44
C ALA B 296 -23.16 -17.98 11.30
N VAL B 297 -24.25 -18.68 11.62
CA VAL B 297 -25.04 -19.33 10.59
C VAL B 297 -25.69 -18.28 9.70
N ALA B 298 -26.21 -17.22 10.32
CA ALA B 298 -26.86 -16.14 9.60
C ALA B 298 -25.90 -15.47 8.63
N ILE B 299 -24.68 -15.17 9.09
CA ILE B 299 -23.71 -14.52 8.23
C ILE B 299 -23.27 -15.41 7.06
N THR B 300 -23.20 -16.71 7.29
CA THR B 300 -22.81 -17.65 6.23
C THR B 300 -23.90 -17.73 5.16
N LEU B 301 -25.16 -17.83 5.59
CA LEU B 301 -26.26 -17.91 4.66
C LEU B 301 -26.32 -16.66 3.77
N ALA B 302 -25.99 -15.50 4.33
CA ALA B 302 -25.99 -14.24 3.59
C ALA B 302 -24.92 -14.29 2.51
N CYS B 303 -23.85 -15.04 2.78
CA CYS B 303 -22.77 -15.20 1.82
C CYS B 303 -23.26 -16.02 0.63
N PHE B 304 -24.33 -16.77 0.84
CA PHE B 304 -24.86 -17.61 -0.22
C PHE B 304 -26.26 -17.26 -0.72
N GLY B 305 -26.56 -15.96 -0.79
CA GLY B 305 -27.84 -15.53 -1.32
C GLY B 305 -28.98 -15.07 -0.44
N LEU B 306 -29.00 -15.47 0.82
CA LEU B 306 -30.09 -15.05 1.70
C LEU B 306 -30.06 -13.54 1.88
N ALA B 307 -31.08 -12.88 1.34
CA ALA B 307 -31.21 -11.42 1.41
C ALA B 307 -32.35 -11.02 2.33
N ARG B 308 -32.11 -10.00 3.14
CA ARG B 308 -33.11 -9.51 4.09
C ARG B 308 -34.33 -8.90 3.41
N GLU B 309 -34.18 -8.49 2.15
CA GLU B 309 -35.30 -7.91 1.39
C GLU B 309 -36.23 -9.02 0.91
N GLY B 310 -35.74 -10.25 0.93
CA GLY B 310 -36.52 -11.39 0.49
C GLY B 310 -35.82 -12.10 -0.65
N ASN B 311 -36.29 -13.32 -0.96
CA ASN B 311 -35.73 -14.14 -2.04
C ASN B 311 -36.86 -14.92 -2.73
N HIS B 312 -36.73 -15.16 -4.03
CA HIS B 312 -37.72 -15.95 -4.75
C HIS B 312 -37.16 -16.55 -6.03
N LYS B 313 -37.71 -17.68 -6.45
CA LYS B 313 -37.26 -18.39 -7.64
C LYS B 313 -37.94 -17.90 -8.91
N PRO B 314 -37.30 -18.13 -10.07
CA PRO B 314 -37.82 -17.74 -11.38
C PRO B 314 -39.10 -18.45 -11.80
N ILE B 315 -39.97 -18.72 -10.82
CA ILE B 315 -41.25 -19.39 -11.09
C ILE B 315 -42.40 -18.43 -10.77
N ASP B 316 -43.63 -18.96 -10.67
CA ASP B 316 -44.79 -18.14 -10.37
C ASP B 316 -45.10 -18.07 -8.88
N TYR B 317 -45.59 -16.91 -8.44
CA TYR B 317 -45.94 -16.69 -7.04
C TYR B 317 -47.27 -15.96 -6.94
MN MN C . 9.76 7.26 -9.98
MN MN D . 8.41 10.18 -9.56
N GPA E . 2.44 4.52 -13.91
CA GPA E . 2.59 4.03 -12.50
C GPA E . 1.53 4.71 -11.67
OA1 GPA E . 1.02 4.39 -10.59
OA2 GPA E . 1.15 5.95 -12.37
CD GPA E . 4.01 4.41 -12.03
NE GPA E . 4.23 5.80 -11.57
CZ GPA E . 5.02 6.15 -10.46
NH1 GPA E . 5.70 5.26 -9.73
NH2 GPA E . 5.08 7.51 -10.10
MN MN F . -9.90 -11.74 15.80
MN MN G . -8.53 -13.52 13.43
#